data_1DAW
#
_entry.id   1DAW
#
_cell.length_a   143.110
_cell.length_b   59.200
_cell.length_c   45.810
_cell.angle_alpha   90.00
_cell.angle_beta   103.56
_cell.angle_gamma   90.00
#
_symmetry.space_group_name_H-M   'C 1 2 1'
#
loop_
_entity.id
_entity.type
_entity.pdbx_description
1 polymer 'PROTEIN KINASE CK2'
2 non-polymer 'MAGNESIUM ION'
3 non-polymer 'PHOSPHOAMINOPHOSPHONIC ACID-ADENYLATE ESTER'
4 water water
#
_entity_poly.entity_id   1
_entity_poly.type   'polypeptide(L)'
_entity_poly.pdbx_seq_one_letter_code
;SKARVYADVNVLRPKEYWDYEALTVQWGEQDDYEVVRKVGRGKYSEVFEGINVNNNEKCIIKILKPVKKKKIKREIKILQ
NLCGGPNIVKLLDIVRDQHSKTPSLIFEYVNNTDFKVLYPTLTDYDIRYYIYELLKALDYCHSQGIMHRDVKPHNVMIDH
ELRKLRLIDWGLAEFYHPGKEYNVRVASRYFKGPELLVDLQDYDYSLDMWSLGCMFAGMIFRKEPFFYGHDNHDQLVKIA
KVLGTDGLNVYLNKYRIELDPQLEALVGRHSRKPWLKFMNADNQHLVSPEAIDFLDKLLRYDHQERLTALEAMTHPYFQQ
VRAAENS
;
_entity_poly.pdbx_strand_id   A
#
loop_
_chem_comp.id
_chem_comp.type
_chem_comp.name
_chem_comp.formula
ANP non-polymer 'PHOSPHOAMINOPHOSPHONIC ACID-ADENYLATE ESTER' 'C10 H17 N6 O12 P3'
MG non-polymer 'MAGNESIUM ION' 'Mg 2'
#
# COMPACT_ATOMS: atom_id res chain seq x y z
N SER A 1 9.09 12.84 14.98
CA SER A 1 7.93 11.90 14.87
C SER A 1 8.46 10.48 14.92
N LYS A 2 7.76 9.60 15.65
CA LYS A 2 8.10 8.19 15.79
C LYS A 2 6.80 7.38 15.66
N ALA A 3 6.98 6.09 15.39
CA ALA A 3 5.79 5.24 15.22
C ALA A 3 5.16 5.00 16.58
N ARG A 4 3.84 5.00 16.67
CA ARG A 4 3.18 4.72 17.95
C ARG A 4 3.12 3.23 18.22
N VAL A 5 3.29 2.35 17.22
CA VAL A 5 3.34 0.91 17.44
C VAL A 5 4.46 0.27 16.62
N TYR A 6 4.96 -0.89 16.98
CA TYR A 6 6.01 -1.63 16.32
C TYR A 6 7.25 -0.81 15.97
N ALA A 7 7.59 0.13 16.86
CA ALA A 7 8.71 0.99 16.64
C ALA A 7 10.02 0.26 16.88
N ASP A 8 10.08 -0.72 17.75
CA ASP A 8 11.31 -1.38 18.12
C ASP A 8 11.61 -2.68 17.40
N VAL A 9 10.80 -3.09 16.43
CA VAL A 9 10.98 -4.38 15.80
C VAL A 9 12.39 -4.61 15.26
N ASN A 10 12.90 -3.71 14.45
CA ASN A 10 14.24 -3.81 13.88
C ASN A 10 15.26 -3.57 14.96
N VAL A 11 15.05 -2.55 15.80
CA VAL A 11 15.88 -2.32 16.98
C VAL A 11 16.19 -3.64 17.69
N LEU A 12 15.15 -4.36 18.10
CA LEU A 12 15.30 -5.61 18.82
C LEU A 12 15.66 -6.82 17.97
N ARG A 13 15.65 -6.74 16.64
CA ARG A 13 16.02 -7.92 15.86
C ARG A 13 17.46 -7.82 15.41
N PRO A 14 18.05 -8.96 15.04
CA PRO A 14 19.42 -9.01 14.56
C PRO A 14 19.62 -8.15 13.33
N LYS A 15 20.82 -7.60 13.14
CA LYS A 15 21.10 -6.79 11.98
C LYS A 15 20.78 -7.48 10.66
N GLU A 16 20.98 -8.77 10.50
CA GLU A 16 20.72 -9.50 9.27
C GLU A 16 19.26 -9.45 8.82
N TYR A 17 18.32 -9.39 9.77
CA TYR A 17 16.90 -9.27 9.46
C TYR A 17 16.68 -8.07 8.54
N TRP A 18 17.23 -6.93 8.95
CA TRP A 18 16.97 -5.70 8.20
C TRP A 18 18.10 -5.21 7.33
N ASP A 19 19.27 -5.83 7.42
CA ASP A 19 20.41 -5.40 6.61
C ASP A 19 20.33 -6.03 5.23
N TYR A 20 19.45 -5.49 4.38
CA TYR A 20 19.28 -6.04 3.04
C TYR A 20 20.45 -5.70 2.13
N GLU A 21 21.32 -4.71 2.34
CA GLU A 21 22.41 -4.58 1.37
C GLU A 21 23.35 -5.79 1.53
N ALA A 22 23.36 -6.50 2.65
CA ALA A 22 24.11 -7.72 2.84
C ALA A 22 23.41 -8.98 2.32
N LEU A 23 22.27 -8.90 1.64
CA LEU A 23 21.63 -10.12 1.19
C LEU A 23 22.53 -10.92 0.25
N THR A 24 22.40 -12.24 0.28
CA THR A 24 23.12 -13.14 -0.62
C THR A 24 22.08 -14.03 -1.31
N VAL A 25 21.76 -13.66 -2.55
CA VAL A 25 20.77 -14.39 -3.33
C VAL A 25 21.27 -15.79 -3.65
N GLN A 26 20.38 -16.76 -3.50
CA GLN A 26 20.68 -18.15 -3.81
C GLN A 26 19.81 -18.49 -5.03
N TRP A 27 20.35 -18.18 -6.20
CA TRP A 27 19.61 -18.31 -7.44
C TRP A 27 19.07 -19.69 -7.76
N GLY A 28 17.87 -19.65 -8.35
CA GLY A 28 17.20 -20.88 -8.79
C GLY A 28 17.55 -21.12 -10.27
N GLU A 29 16.80 -22.01 -10.87
CA GLU A 29 16.93 -22.36 -12.26
C GLU A 29 16.01 -21.57 -13.18
N GLN A 30 16.57 -20.66 -13.97
CA GLN A 30 15.81 -19.83 -14.90
C GLN A 30 14.91 -20.66 -15.81
N ASP A 31 15.31 -21.85 -16.27
CA ASP A 31 14.46 -22.68 -17.09
C ASP A 31 13.23 -23.26 -16.43
N ASP A 32 13.05 -23.37 -15.10
CA ASP A 32 11.86 -23.95 -14.51
C ASP A 32 10.57 -23.18 -14.81
N TYR A 33 10.72 -21.90 -15.06
CA TYR A 33 9.58 -21.01 -15.28
C TYR A 33 9.49 -20.49 -16.69
N GLU A 34 8.36 -20.74 -17.38
CA GLU A 34 8.22 -20.16 -18.71
C GLU A 34 7.13 -19.10 -18.81
N VAL A 35 7.45 -18.02 -19.50
CA VAL A 35 6.56 -16.91 -19.79
C VAL A 35 5.42 -17.29 -20.72
N VAL A 36 4.18 -17.17 -20.28
CA VAL A 36 2.99 -17.43 -21.05
C VAL A 36 2.31 -16.17 -21.60
N ARG A 37 2.23 -15.03 -20.91
CA ARG A 37 1.61 -13.82 -21.43
C ARG A 37 1.76 -12.62 -20.50
N LYS A 38 2.12 -11.45 -21.03
CA LYS A 38 2.32 -10.27 -20.20
C LYS A 38 1.05 -9.84 -19.46
N VAL A 39 1.15 -9.59 -18.17
CA VAL A 39 0.00 -9.18 -17.38
C VAL A 39 0.15 -7.81 -16.74
N GLY A 40 1.35 -7.26 -16.68
CA GLY A 40 1.53 -5.96 -16.05
C GLY A 40 2.95 -5.47 -16.25
N ARG A 41 3.21 -4.30 -15.72
CA ARG A 41 4.53 -3.72 -15.84
C ARG A 41 4.63 -2.61 -14.80
N GLY A 42 5.78 -1.99 -14.83
CA GLY A 42 6.07 -0.83 -13.97
C GLY A 42 7.27 -0.22 -14.73
N LYS A 43 7.67 0.96 -14.28
CA LYS A 43 8.84 1.64 -14.81
C LYS A 43 10.08 0.75 -14.54
N TYR A 44 9.99 -0.15 -13.61
CA TYR A 44 10.82 -1.07 -12.96
C TYR A 44 10.85 -2.52 -13.43
N SER A 45 9.77 -2.95 -14.08
CA SER A 45 9.69 -4.34 -14.51
C SER A 45 8.66 -4.66 -15.56
N GLU A 46 8.66 -5.91 -15.96
CA GLU A 46 7.72 -6.60 -16.84
C GLU A 46 7.32 -7.85 -16.04
N VAL A 47 6.03 -8.07 -15.93
CA VAL A 47 5.36 -9.08 -15.16
C VAL A 47 4.49 -9.88 -16.13
N PHE A 48 4.68 -11.19 -16.07
CA PHE A 48 4.07 -12.13 -16.96
C PHE A 48 3.42 -13.26 -16.17
N GLU A 49 2.31 -13.76 -16.67
CA GLU A 49 1.77 -15.00 -16.13
C GLU A 49 2.75 -16.06 -16.66
N GLY A 50 3.30 -16.92 -15.82
CA GLY A 50 4.21 -17.95 -16.27
C GLY A 50 3.62 -19.32 -15.93
N ILE A 51 4.42 -20.35 -16.13
CA ILE A 51 4.03 -21.72 -15.83
C ILE A 51 5.28 -22.34 -15.21
N ASN A 52 5.10 -23.06 -14.13
CA ASN A 52 6.24 -23.77 -13.52
C ASN A 52 6.36 -25.08 -14.34
N VAL A 53 7.45 -25.24 -15.09
CA VAL A 53 7.60 -26.42 -15.94
C VAL A 53 7.67 -27.76 -15.20
N ASN A 54 8.20 -27.72 -13.98
CA ASN A 54 8.24 -28.92 -13.17
C ASN A 54 6.90 -29.37 -12.64
N ASN A 55 5.87 -28.62 -12.39
CA ASN A 55 4.60 -29.16 -11.90
C ASN A 55 3.41 -28.67 -12.71
N ASN A 56 3.62 -27.85 -13.73
CA ASN A 56 2.55 -27.31 -14.55
C ASN A 56 1.63 -26.26 -13.96
N GLU A 57 1.88 -25.72 -12.78
CA GLU A 57 1.00 -24.72 -12.19
C GLU A 57 1.33 -23.30 -12.64
N LYS A 58 0.31 -22.43 -12.63
CA LYS A 58 0.56 -21.05 -13.03
C LYS A 58 1.48 -20.40 -11.98
N CYS A 59 2.27 -19.44 -12.44
CA CYS A 59 3.10 -18.66 -11.54
C CYS A 59 3.18 -17.21 -12.06
N ILE A 60 3.88 -16.33 -11.34
CA ILE A 60 4.06 -14.99 -11.85
C ILE A 60 5.56 -14.73 -12.02
N ILE A 61 5.95 -14.14 -13.14
CA ILE A 61 7.39 -13.89 -13.32
C ILE A 61 7.56 -12.37 -13.38
N LYS A 62 8.34 -11.81 -12.47
CA LYS A 62 8.55 -10.36 -12.44
C LYS A 62 9.98 -10.09 -12.92
N ILE A 63 10.12 -9.71 -14.19
CA ILE A 63 11.42 -9.48 -14.80
C ILE A 63 11.84 -8.03 -14.48
N LEU A 64 12.89 -7.89 -13.69
CA LEU A 64 13.40 -6.64 -13.21
C LEU A 64 14.28 -5.95 -14.26
N LYS A 65 14.16 -4.64 -14.34
CA LYS A 65 14.95 -3.78 -15.19
C LYS A 65 16.16 -3.30 -14.40
N PRO A 66 17.17 -2.82 -15.10
CA PRO A 66 18.41 -2.38 -14.47
C PRO A 66 18.13 -1.21 -13.55
N VAL A 67 18.51 -1.37 -12.30
CA VAL A 67 18.39 -0.38 -11.26
C VAL A 67 19.55 -0.63 -10.30
N LYS A 68 19.84 0.30 -9.40
CA LYS A 68 20.90 0.01 -8.43
C LYS A 68 20.62 -1.37 -7.86
N LYS A 69 21.65 -2.14 -7.52
CA LYS A 69 21.50 -3.47 -6.96
C LYS A 69 20.88 -3.51 -5.57
N LYS A 70 20.93 -2.39 -4.85
CA LYS A 70 20.37 -2.36 -3.50
C LYS A 70 18.86 -2.44 -3.53
N LYS A 71 18.23 -1.84 -4.53
CA LYS A 71 16.80 -1.82 -4.78
C LYS A 71 16.25 -3.22 -4.99
N ILE A 72 17.03 -4.09 -5.61
CA ILE A 72 16.62 -5.48 -5.84
C ILE A 72 16.81 -6.33 -4.59
N LYS A 73 17.90 -6.13 -3.88
CA LYS A 73 18.14 -6.84 -2.62
C LYS A 73 17.02 -6.49 -1.63
N ARG A 74 16.61 -5.24 -1.54
CA ARG A 74 15.58 -4.74 -0.64
C ARG A 74 14.25 -5.47 -0.85
N GLU A 75 13.75 -5.47 -2.08
CA GLU A 75 12.49 -6.11 -2.43
C GLU A 75 12.50 -7.60 -2.13
N ILE A 76 13.63 -8.26 -2.37
CA ILE A 76 13.77 -9.68 -2.06
C ILE A 76 13.79 -9.94 -0.56
N LYS A 77 14.59 -9.18 0.17
CA LYS A 77 14.71 -9.39 1.62
C LYS A 77 13.35 -9.21 2.27
N ILE A 78 12.61 -8.17 1.86
CA ILE A 78 11.29 -7.96 2.45
C ILE A 78 10.38 -9.12 2.12
N LEU A 79 10.33 -9.59 0.89
CA LEU A 79 9.53 -10.76 0.54
C LEU A 79 9.89 -11.97 1.37
N GLN A 80 11.14 -12.24 1.63
CA GLN A 80 11.57 -13.36 2.46
C GLN A 80 11.21 -13.13 3.93
N ASN A 81 11.24 -11.86 4.39
CA ASN A 81 10.87 -11.59 5.77
C ASN A 81 9.37 -11.75 6.01
N LEU A 82 8.54 -11.43 5.03
CA LEU A 82 7.10 -11.58 5.18
C LEU A 82 6.50 -12.87 4.66
N CYS A 83 7.21 -13.65 3.85
CA CYS A 83 6.69 -14.86 3.25
C CYS A 83 5.98 -15.73 4.26
N GLY A 84 4.68 -16.00 4.12
CA GLY A 84 3.96 -16.81 5.11
C GLY A 84 2.92 -16.03 5.90
N GLY A 85 3.09 -14.71 5.93
CA GLY A 85 2.17 -13.79 6.59
C GLY A 85 0.82 -13.79 5.92
N PRO A 86 -0.21 -13.43 6.68
CA PRO A 86 -1.56 -13.36 6.15
C PRO A 86 -1.63 -12.44 4.95
N ASN A 87 -2.06 -13.00 3.81
CA ASN A 87 -2.34 -12.29 2.58
C ASN A 87 -1.13 -11.59 1.96
N ILE A 88 0.07 -12.06 2.29
CA ILE A 88 1.28 -11.51 1.72
C ILE A 88 1.62 -12.38 0.48
N VAL A 89 1.74 -11.73 -0.67
CA VAL A 89 2.14 -12.44 -1.88
C VAL A 89 3.32 -13.33 -1.56
N LYS A 90 3.28 -14.56 -2.07
CA LYS A 90 4.39 -15.49 -1.87
C LYS A 90 5.44 -15.46 -2.96
N LEU A 91 6.68 -15.22 -2.64
CA LEU A 91 7.87 -15.25 -3.43
C LEU A 91 8.36 -16.70 -3.45
N LEU A 92 8.32 -17.31 -4.64
CA LEU A 92 8.67 -18.71 -4.78
C LEU A 92 10.10 -19.01 -5.16
N ASP A 93 10.68 -18.16 -5.98
CA ASP A 93 12.05 -18.39 -6.47
C ASP A 93 12.59 -17.07 -7.02
N ILE A 94 13.88 -16.96 -7.18
CA ILE A 94 14.65 -15.88 -7.67
C ILE A 94 15.61 -16.51 -8.69
N VAL A 95 15.59 -16.05 -9.92
CA VAL A 95 16.40 -16.60 -11.00
C VAL A 95 16.96 -15.49 -11.88
N ARG A 96 18.05 -15.73 -12.60
CA ARG A 96 18.63 -14.75 -13.49
C ARG A 96 18.98 -15.38 -14.85
N ASP A 97 19.07 -14.51 -15.84
CA ASP A 97 19.46 -14.94 -17.19
C ASP A 97 20.98 -15.08 -17.17
N GLN A 98 21.55 -16.22 -17.53
CA GLN A 98 23.01 -16.36 -17.49
C GLN A 98 23.71 -15.22 -18.21
N HIS A 99 23.36 -15.06 -19.49
CA HIS A 99 23.98 -14.05 -20.33
C HIS A 99 23.92 -12.64 -19.77
N SER A 100 22.76 -12.04 -19.53
CA SER A 100 22.72 -10.67 -19.01
C SER A 100 22.62 -10.54 -17.50
N LYS A 101 22.37 -11.64 -16.81
CA LYS A 101 22.13 -11.69 -15.38
C LYS A 101 20.94 -10.79 -15.03
N THR A 102 19.92 -10.79 -15.90
CA THR A 102 18.69 -10.04 -15.65
C THR A 102 17.89 -10.85 -14.62
N PRO A 103 17.68 -10.30 -13.45
CA PRO A 103 16.96 -10.98 -12.39
C PRO A 103 15.46 -10.97 -12.57
N SER A 104 14.86 -12.12 -12.29
CA SER A 104 13.42 -12.32 -12.37
C SER A 104 12.92 -12.86 -11.01
N LEU A 105 11.82 -12.31 -10.49
CA LEU A 105 11.26 -12.81 -9.25
C LEU A 105 10.04 -13.67 -9.60
N ILE A 106 9.97 -14.83 -9.00
CA ILE A 106 8.86 -15.74 -9.25
C ILE A 106 7.91 -15.72 -8.09
N PHE A 107 6.63 -15.52 -8.35
CA PHE A 107 5.61 -15.45 -7.32
C PHE A 107 4.44 -16.39 -7.60
N GLU A 108 3.65 -16.62 -6.55
CA GLU A 108 2.39 -17.33 -6.74
C GLU A 108 1.60 -16.47 -7.73
N TYR A 109 0.70 -17.12 -8.42
CA TYR A 109 -0.16 -16.54 -9.41
C TYR A 109 -1.51 -16.20 -8.76
N VAL A 110 -1.99 -14.99 -8.86
CA VAL A 110 -3.31 -14.71 -8.28
C VAL A 110 -4.22 -14.47 -9.47
N ASN A 111 -5.40 -15.06 -9.60
CA ASN A 111 -6.19 -14.76 -10.80
C ASN A 111 -6.98 -13.50 -10.57
N ASN A 112 -6.34 -12.36 -10.73
CA ASN A 112 -6.90 -11.04 -10.48
C ASN A 112 -7.94 -10.54 -11.46
N THR A 113 -8.86 -9.72 -10.97
CA THR A 113 -9.78 -8.99 -11.82
C THR A 113 -9.35 -7.53 -11.67
N ASP A 114 -9.06 -6.90 -12.80
CA ASP A 114 -8.64 -5.49 -12.79
C ASP A 114 -9.53 -4.72 -11.82
N PHE A 115 -9.01 -3.87 -10.95
CA PHE A 115 -9.89 -3.08 -10.07
C PHE A 115 -10.83 -2.07 -10.71
N LYS A 116 -10.58 -1.57 -11.93
CA LYS A 116 -11.47 -0.57 -12.52
C LYS A 116 -12.79 -1.21 -12.96
N VAL A 117 -12.75 -2.53 -13.11
CA VAL A 117 -13.88 -3.36 -13.44
C VAL A 117 -14.38 -4.14 -12.21
N LEU A 118 -13.53 -4.52 -11.27
CA LEU A 118 -13.99 -5.31 -10.12
C LEU A 118 -14.67 -4.45 -9.07
N TYR A 119 -14.01 -3.38 -8.62
CA TYR A 119 -14.51 -2.50 -7.58
C TYR A 119 -15.96 -2.09 -7.75
N PRO A 120 -16.38 -1.61 -8.90
CA PRO A 120 -17.74 -1.24 -9.18
C PRO A 120 -18.78 -2.34 -9.10
N THR A 121 -18.41 -3.60 -9.16
CA THR A 121 -19.33 -4.72 -9.03
C THR A 121 -19.39 -5.13 -7.53
N LEU A 122 -18.45 -4.73 -6.67
CA LEU A 122 -18.45 -5.16 -5.30
C LEU A 122 -19.65 -4.72 -4.46
N THR A 123 -20.18 -5.67 -3.68
CA THR A 123 -21.31 -5.32 -2.80
C THR A 123 -20.75 -4.56 -1.59
N ASP A 124 -21.58 -3.90 -0.77
CA ASP A 124 -21.03 -3.27 0.44
C ASP A 124 -20.29 -4.31 1.27
N TYR A 125 -20.82 -5.52 1.51
CA TYR A 125 -20.11 -6.47 2.32
C TYR A 125 -18.69 -6.84 1.88
N ASP A 126 -18.52 -7.11 0.57
CA ASP A 126 -17.28 -7.47 -0.09
C ASP A 126 -16.21 -6.39 0.13
N ILE A 127 -16.64 -5.13 0.10
CA ILE A 127 -15.73 -3.99 0.32
C ILE A 127 -15.17 -4.17 1.73
N ARG A 128 -16.13 -4.34 2.67
CA ARG A 128 -15.77 -4.62 4.05
C ARG A 128 -14.84 -5.81 4.15
N TYR A 129 -15.15 -6.90 3.46
CA TYR A 129 -14.30 -8.09 3.59
C TYR A 129 -12.91 -7.89 3.02
N TYR A 130 -12.81 -7.36 1.80
CA TYR A 130 -11.53 -7.13 1.14
C TYR A 130 -10.68 -6.12 1.88
N ILE A 131 -11.25 -5.02 2.36
CA ILE A 131 -10.38 -4.06 3.12
C ILE A 131 -9.89 -4.72 4.42
N TYR A 132 -10.79 -5.54 5.04
CA TYR A 132 -10.36 -6.31 6.23
C TYR A 132 -9.20 -7.21 5.87
N GLU A 133 -9.32 -7.98 4.76
CA GLU A 133 -8.21 -8.86 4.38
C GLU A 133 -6.93 -8.07 4.11
N LEU A 134 -7.02 -6.95 3.40
CA LEU A 134 -5.86 -6.10 3.12
C LEU A 134 -5.31 -5.58 4.45
N LEU A 135 -6.20 -5.20 5.40
CA LEU A 135 -5.68 -4.86 6.74
C LEU A 135 -4.91 -5.94 7.45
N LYS A 136 -5.26 -7.23 7.25
CA LYS A 136 -4.44 -8.24 7.90
C LYS A 136 -3.03 -8.18 7.34
N ALA A 137 -2.88 -7.96 6.03
CA ALA A 137 -1.50 -7.94 5.49
C ALA A 137 -0.71 -6.76 6.05
N LEU A 138 -1.33 -5.58 6.10
CA LEU A 138 -0.67 -4.37 6.61
C LEU A 138 -0.34 -4.48 8.10
N ASP A 139 -1.29 -4.99 8.91
CA ASP A 139 -0.91 -5.16 10.33
C ASP A 139 0.25 -6.14 10.39
N TYR A 140 0.20 -7.22 9.59
CA TYR A 140 1.30 -8.17 9.60
C TYR A 140 2.58 -7.49 9.13
N CYS A 141 2.56 -6.67 8.05
CA CYS A 141 3.89 -6.17 7.66
C CYS A 141 4.44 -5.15 8.65
N HIS A 142 3.58 -4.34 9.24
CA HIS A 142 4.01 -3.32 10.21
C HIS A 142 4.58 -4.03 11.41
N SER A 143 3.95 -5.10 11.92
CA SER A 143 4.38 -5.88 13.06
C SER A 143 5.77 -6.51 12.84
N GLN A 144 6.16 -6.65 11.56
CA GLN A 144 7.45 -7.20 11.23
C GLN A 144 8.43 -6.07 10.90
N GLY A 145 8.04 -4.82 11.13
CA GLY A 145 8.89 -3.69 10.94
C GLY A 145 9.15 -3.18 9.56
N ILE A 146 8.16 -3.32 8.68
CA ILE A 146 8.31 -2.93 7.27
C ILE A 146 7.18 -2.03 6.82
N MET A 147 7.49 -0.94 6.10
CA MET A 147 6.35 -0.20 5.60
C MET A 147 6.14 -0.58 4.14
N HIS A 148 4.94 -0.70 3.61
CA HIS A 148 4.78 -1.10 2.23
C HIS A 148 5.21 0.04 1.32
N ARG A 149 4.59 1.19 1.51
CA ARG A 149 4.84 2.43 0.82
C ARG A 149 4.31 2.49 -0.59
N ASP A 150 3.47 1.55 -0.99
CA ASP A 150 2.90 1.68 -2.34
C ASP A 150 1.52 1.06 -2.39
N VAL A 151 0.78 1.33 -1.29
CA VAL A 151 -0.57 0.80 -1.17
C VAL A 151 -1.43 1.46 -2.22
N LYS A 152 -1.97 0.64 -3.10
CA LYS A 152 -2.88 1.14 -4.12
C LYS A 152 -3.55 -0.09 -4.72
N PRO A 153 -4.63 0.04 -5.42
CA PRO A 153 -5.37 -1.03 -6.02
C PRO A 153 -4.61 -1.90 -6.99
N HIS A 154 -3.67 -1.39 -7.80
CA HIS A 154 -2.86 -2.24 -8.66
C HIS A 154 -1.89 -3.12 -7.89
N ASN A 155 -1.62 -2.80 -6.62
CA ASN A 155 -0.75 -3.59 -5.79
C ASN A 155 -1.59 -4.48 -4.86
N VAL A 156 -2.89 -4.58 -5.11
CA VAL A 156 -3.80 -5.48 -4.35
C VAL A 156 -4.48 -6.42 -5.34
N MET A 157 -4.00 -7.66 -5.43
CA MET A 157 -4.55 -8.68 -6.32
C MET A 157 -5.73 -9.38 -5.62
N ILE A 158 -6.85 -9.50 -6.33
CA ILE A 158 -7.98 -10.19 -5.70
C ILE A 158 -8.49 -11.33 -6.60
N ASP A 159 -8.57 -12.55 -6.08
CA ASP A 159 -9.24 -13.59 -6.87
C ASP A 159 -10.66 -13.59 -6.30
N HIS A 160 -11.55 -12.84 -6.92
CA HIS A 160 -12.92 -12.69 -6.45
C HIS A 160 -13.65 -14.01 -6.25
N GLU A 161 -13.50 -14.94 -7.19
CA GLU A 161 -14.14 -16.23 -7.07
C GLU A 161 -13.59 -16.96 -5.84
N LEU A 162 -12.29 -16.94 -5.58
CA LEU A 162 -11.78 -17.62 -4.39
C LEU A 162 -11.86 -16.71 -3.18
N ARG A 163 -12.22 -15.44 -3.30
CA ARG A 163 -12.30 -14.44 -2.25
C ARG A 163 -10.96 -14.33 -1.53
N LYS A 164 -9.91 -14.43 -2.31
CA LYS A 164 -8.53 -14.41 -1.91
C LYS A 164 -7.87 -13.09 -2.27
N LEU A 165 -7.16 -12.53 -1.31
CA LEU A 165 -6.46 -11.27 -1.52
C LEU A 165 -5.00 -11.43 -1.16
N ARG A 166 -4.15 -10.79 -1.97
CA ARG A 166 -2.73 -10.75 -1.75
C ARG A 166 -2.23 -9.30 -1.94
N LEU A 167 -1.40 -8.87 -0.99
CA LEU A 167 -0.80 -7.58 -1.04
C LEU A 167 0.55 -7.81 -1.76
N ILE A 168 0.57 -7.30 -3.00
CA ILE A 168 1.78 -7.58 -3.81
C ILE A 168 2.63 -6.31 -3.87
N ASP A 169 3.73 -6.39 -4.62
CA ASP A 169 4.61 -5.29 -4.91
C ASP A 169 5.26 -4.62 -3.72
N TRP A 170 6.29 -5.29 -3.21
CA TRP A 170 7.11 -4.83 -2.12
C TRP A 170 8.37 -4.09 -2.57
N GLY A 171 8.44 -3.61 -3.81
CA GLY A 171 9.49 -2.87 -4.45
C GLY A 171 9.83 -1.48 -3.93
N LEU A 172 8.87 -0.83 -3.30
CA LEU A 172 9.11 0.45 -2.64
C LEU A 172 9.19 0.22 -1.12
N ALA A 173 8.87 -0.97 -0.61
CA ALA A 173 8.84 -1.17 0.83
C ALA A 173 10.19 -0.87 1.46
N GLU A 174 10.20 -0.64 2.77
CA GLU A 174 11.34 -0.33 3.61
C GLU A 174 11.19 -0.81 5.05
N PHE A 175 12.29 -1.08 5.73
CA PHE A 175 12.40 -1.40 7.14
C PHE A 175 12.26 -0.12 7.97
N TYR A 176 11.45 -0.15 9.01
CA TYR A 176 11.16 1.02 9.82
C TYR A 176 12.18 1.18 10.94
N HIS A 177 12.81 2.35 10.97
CA HIS A 177 13.83 2.59 12.01
C HIS A 177 13.47 3.87 12.75
N PRO A 178 13.28 3.80 14.06
CA PRO A 178 12.92 5.00 14.82
C PRO A 178 13.81 6.19 14.47
N GLY A 179 13.27 7.28 13.94
CA GLY A 179 14.01 8.48 13.64
C GLY A 179 14.57 8.69 12.25
N LYS A 180 14.46 7.71 11.36
CA LYS A 180 15.04 7.83 10.03
C LYS A 180 14.23 8.73 9.10
N GLU A 181 15.02 9.50 8.34
CA GLU A 181 14.43 10.39 7.34
C GLU A 181 14.43 9.52 6.07
N TYR A 182 13.26 9.42 5.47
CA TYR A 182 13.10 8.57 4.32
C TYR A 182 12.81 9.46 3.13
N ASN A 183 13.16 8.93 1.95
CA ASN A 183 12.81 9.72 0.75
C ASN A 183 11.29 9.70 0.72
N VAL A 184 10.71 10.81 0.31
CA VAL A 184 9.28 11.02 0.23
C VAL A 184 8.72 10.74 -1.14
N ARG A 185 9.62 10.34 -2.03
CA ARG A 185 9.25 10.00 -3.40
C ARG A 185 8.87 8.52 -3.38
N VAL A 186 7.68 8.20 -2.86
CA VAL A 186 7.22 6.83 -2.74
C VAL A 186 5.73 6.81 -2.96
N ALA A 187 5.14 5.65 -3.22
CA ALA A 187 3.71 5.52 -3.45
C ALA A 187 3.27 6.24 -4.71
N SER A 188 2.07 5.95 -5.16
CA SER A 188 1.48 6.59 -6.31
C SER A 188 0.93 7.95 -5.91
N ARG A 189 0.89 8.91 -6.84
CA ARG A 189 0.40 10.24 -6.47
C ARG A 189 -0.94 10.25 -5.75
N TYR A 190 -1.96 9.52 -6.18
CA TYR A 190 -3.27 9.57 -5.52
C TYR A 190 -3.33 9.07 -4.08
N PHE A 191 -2.31 8.30 -3.72
CA PHE A 191 -2.18 7.63 -2.45
C PHE A 191 -1.08 8.21 -1.59
N LYS A 192 -0.43 9.28 -2.02
CA LYS A 192 0.64 9.89 -1.22
C LYS A 192 0.03 10.62 -0.02
N GLY A 193 0.47 10.38 1.19
CA GLY A 193 -0.08 11.06 2.35
C GLY A 193 0.49 12.47 2.46
N PRO A 194 -0.19 13.30 3.25
CA PRO A 194 0.24 14.65 3.53
C PRO A 194 1.69 14.74 3.92
N GLU A 195 2.25 13.86 4.73
CA GLU A 195 3.66 14.01 5.07
C GLU A 195 4.61 13.85 3.90
N LEU A 196 4.24 13.14 2.82
CA LEU A 196 5.16 13.00 1.70
C LEU A 196 5.14 14.32 0.93
N LEU A 197 3.98 14.93 0.75
CA LEU A 197 3.73 16.13 0.04
C LEU A 197 4.15 17.43 0.71
N VAL A 198 4.43 17.39 2.00
CA VAL A 198 4.88 18.54 2.76
C VAL A 198 6.31 18.29 3.20
N ASP A 199 6.88 17.18 2.70
CA ASP A 199 8.26 16.84 2.96
C ASP A 199 8.60 16.48 4.40
N LEU A 200 7.71 15.76 5.09
CA LEU A 200 8.03 15.28 6.45
C LEU A 200 8.57 13.88 6.19
N GLN A 201 9.88 13.75 6.21
CA GLN A 201 10.62 12.54 5.93
C GLN A 201 10.68 11.47 7.01
N ASP A 202 10.50 11.86 8.27
CA ASP A 202 10.51 10.86 9.33
C ASP A 202 9.10 10.32 9.61
N TYR A 203 8.53 9.70 8.57
CA TYR A 203 7.21 9.11 8.54
C TYR A 203 7.29 7.67 8.98
N ASP A 204 6.14 6.99 9.08
CA ASP A 204 6.27 5.59 9.58
C ASP A 204 5.22 4.71 8.97
N TYR A 205 4.82 3.64 9.62
CA TYR A 205 3.77 2.75 9.16
C TYR A 205 2.43 3.41 8.91
N SER A 206 2.17 4.57 9.50
CA SER A 206 0.94 5.27 9.29
C SER A 206 0.80 5.75 7.87
N LEU A 207 1.86 5.93 7.08
CA LEU A 207 1.68 6.38 5.69
C LEU A 207 0.79 5.38 4.96
N ASP A 208 0.97 4.09 5.18
CA ASP A 208 0.14 3.04 4.57
C ASP A 208 -1.31 3.17 4.94
N MET A 209 -1.64 3.64 6.15
CA MET A 209 -3.02 3.85 6.51
C MET A 209 -3.62 4.99 5.75
N TRP A 210 -2.85 6.05 5.42
CA TRP A 210 -3.47 7.12 4.60
C TRP A 210 -3.81 6.52 3.24
N SER A 211 -2.85 5.78 2.65
CA SER A 211 -3.07 5.17 1.33
C SER A 211 -4.28 4.24 1.34
N LEU A 212 -4.38 3.39 2.37
CA LEU A 212 -5.57 2.53 2.51
C LEU A 212 -6.81 3.39 2.59
N GLY A 213 -6.82 4.51 3.32
CA GLY A 213 -7.99 5.39 3.38
C GLY A 213 -8.36 5.93 2.01
N CYS A 214 -7.37 6.35 1.21
CA CYS A 214 -7.72 6.81 -0.16
C CYS A 214 -8.36 5.68 -0.95
N MET A 215 -7.89 4.43 -0.84
CA MET A 215 -8.51 3.34 -1.58
C MET A 215 -9.95 3.12 -1.11
N PHE A 216 -10.14 3.12 0.20
CA PHE A 216 -11.46 2.95 0.80
C PHE A 216 -12.44 4.02 0.36
N ALA A 217 -12.02 5.29 0.43
CA ALA A 217 -12.83 6.43 -0.01
C ALA A 217 -13.23 6.25 -1.48
N GLY A 218 -12.28 5.81 -2.31
CA GLY A 218 -12.59 5.51 -3.72
C GLY A 218 -13.68 4.43 -3.83
N MET A 219 -13.63 3.38 -3.06
CA MET A 219 -14.62 2.32 -3.13
C MET A 219 -16.01 2.72 -2.69
N ILE A 220 -16.17 3.32 -1.51
CA ILE A 220 -17.48 3.71 -1.01
C ILE A 220 -18.05 4.96 -1.71
N PHE A 221 -17.21 5.78 -2.30
CA PHE A 221 -17.76 6.97 -2.99
C PHE A 221 -17.78 6.72 -4.50
N ARG A 222 -17.38 5.53 -4.94
CA ARG A 222 -17.34 5.18 -6.38
C ARG A 222 -16.60 6.31 -7.11
N LYS A 223 -15.34 6.54 -6.75
CA LYS A 223 -14.62 7.69 -7.33
C LYS A 223 -13.13 7.41 -7.31
N GLU A 224 -12.58 7.03 -8.46
CA GLU A 224 -11.18 6.64 -8.56
C GLU A 224 -10.33 7.50 -9.47
N PRO A 225 -9.24 8.04 -8.96
CA PRO A 225 -8.88 7.95 -7.56
C PRO A 225 -9.65 9.02 -6.79
N PHE A 226 -9.76 8.94 -5.47
CA PHE A 226 -10.58 9.92 -4.76
C PHE A 226 -9.92 11.28 -4.73
N PHE A 227 -8.61 11.36 -4.63
CA PHE A 227 -7.87 12.62 -4.58
C PHE A 227 -7.12 12.72 -5.93
N TYR A 228 -7.73 13.40 -6.90
CA TYR A 228 -7.17 13.36 -8.25
C TYR A 228 -6.40 14.61 -8.66
N GLY A 229 -5.14 14.65 -8.28
CA GLY A 229 -4.25 15.78 -8.58
C GLY A 229 -3.27 15.38 -9.69
N HIS A 230 -2.95 16.36 -10.53
CA HIS A 230 -2.02 16.21 -11.64
C HIS A 230 -0.56 16.14 -11.23
N ASP A 231 -0.10 16.77 -10.18
CA ASP A 231 1.29 16.69 -9.73
C ASP A 231 1.30 16.81 -8.20
N ASN A 232 2.45 16.68 -7.56
CA ASN A 232 2.48 16.68 -6.11
C ASN A 232 1.78 17.90 -5.54
N HIS A 233 2.28 19.10 -5.79
CA HIS A 233 1.63 20.32 -5.31
C HIS A 233 0.12 20.24 -5.42
N ASP A 234 -0.43 19.89 -6.56
CA ASP A 234 -1.86 19.75 -6.80
C ASP A 234 -2.47 18.63 -5.94
N GLN A 235 -1.69 17.59 -5.64
CA GLN A 235 -2.15 16.49 -4.81
C GLN A 235 -2.39 17.03 -3.39
N LEU A 236 -1.51 17.89 -2.88
CA LEU A 236 -1.78 18.54 -1.60
C LEU A 236 -2.95 19.51 -1.68
N VAL A 237 -3.23 20.17 -2.80
CA VAL A 237 -4.37 21.07 -2.94
C VAL A 237 -5.68 20.28 -2.96
N LYS A 238 -5.70 19.15 -3.67
CA LYS A 238 -6.92 18.32 -3.66
C LYS A 238 -7.18 17.81 -2.24
N ILE A 239 -6.15 17.42 -1.50
CA ILE A 239 -6.33 17.04 -0.10
C ILE A 239 -6.88 18.24 0.67
N ALA A 240 -6.19 19.39 0.66
CA ALA A 240 -6.65 20.57 1.38
C ALA A 240 -8.05 21.02 1.00
N LYS A 241 -8.58 20.81 -0.19
CA LYS A 241 -9.95 21.19 -0.49
C LYS A 241 -10.97 20.29 0.18
N VAL A 242 -10.57 19.08 0.62
CA VAL A 242 -11.53 18.19 1.26
C VAL A 242 -11.47 18.31 2.78
N LEU A 243 -10.26 18.21 3.32
CA LEU A 243 -10.02 18.20 4.73
C LEU A 243 -10.01 19.56 5.41
N GLY A 244 -9.96 20.63 4.62
CA GLY A 244 -9.91 21.99 5.16
C GLY A 244 -8.46 22.35 5.44
N THR A 245 -8.13 23.63 5.41
CA THR A 245 -6.78 24.12 5.67
C THR A 245 -6.51 24.48 7.11
N ASP A 246 -7.58 24.56 7.92
CA ASP A 246 -7.38 24.77 9.36
C ASP A 246 -6.61 23.57 9.90
N GLY A 247 -7.08 22.36 9.61
CA GLY A 247 -6.46 21.11 10.01
C GLY A 247 -5.00 21.05 9.56
N LEU A 248 -4.72 21.51 8.33
CA LEU A 248 -3.37 21.48 7.80
C LEU A 248 -2.43 22.37 8.58
N ASN A 249 -2.90 23.61 8.87
CA ASN A 249 -2.10 24.54 9.66
C ASN A 249 -1.85 23.99 11.05
N VAL A 250 -2.87 23.40 11.67
CA VAL A 250 -2.63 22.74 12.98
C VAL A 250 -1.46 21.79 12.81
N TYR A 251 -1.62 20.88 11.86
CA TYR A 251 -0.62 19.89 11.48
C TYR A 251 0.73 20.48 11.15
N LEU A 252 0.88 21.36 10.16
CA LEU A 252 2.21 21.94 9.88
C LEU A 252 2.93 22.46 11.12
N ASN A 253 2.22 23.25 11.95
CA ASN A 253 2.85 23.81 13.16
C ASN A 253 3.13 22.79 14.22
N LYS A 254 2.38 21.67 14.27
CA LYS A 254 2.71 20.63 15.24
C LYS A 254 4.11 20.08 14.96
N TYR A 255 4.41 19.80 13.71
CA TYR A 255 5.69 19.21 13.33
C TYR A 255 6.74 20.22 12.89
N ARG A 256 6.42 21.52 12.98
CA ARG A 256 7.35 22.59 12.65
C ARG A 256 7.68 22.57 11.15
N ILE A 257 6.66 22.62 10.32
CA ILE A 257 6.81 22.57 8.88
C ILE A 257 6.27 23.82 8.20
N GLU A 258 7.13 24.42 7.39
CA GLU A 258 6.73 25.61 6.63
C GLU A 258 6.71 25.20 5.17
N LEU A 259 5.55 25.31 4.53
CA LEU A 259 5.41 24.95 3.13
C LEU A 259 6.17 25.94 2.23
N ASP A 260 6.43 25.42 1.03
CA ASP A 260 6.97 26.31 -0.01
C ASP A 260 5.82 27.30 -0.25
N PRO A 261 6.14 28.58 -0.29
CA PRO A 261 5.16 29.64 -0.47
C PRO A 261 4.37 29.58 -1.75
N GLN A 262 4.87 29.08 -2.87
CA GLN A 262 4.04 28.93 -4.07
C GLN A 262 2.98 27.85 -3.79
N LEU A 263 3.44 26.78 -3.13
CA LEU A 263 2.58 25.66 -2.72
C LEU A 263 1.52 26.21 -1.77
N GLU A 264 2.04 26.92 -0.76
CA GLU A 264 1.23 27.59 0.24
C GLU A 264 0.16 28.44 -0.45
N ALA A 265 0.50 29.17 -1.51
CA ALA A 265 -0.49 29.96 -2.22
C ALA A 265 -1.43 29.12 -3.06
N LEU A 266 -1.04 27.95 -3.57
CA LEU A 266 -1.93 27.11 -4.36
C LEU A 266 -3.02 26.56 -3.43
N VAL A 267 -2.54 26.08 -2.30
CA VAL A 267 -3.36 25.50 -1.24
C VAL A 267 -4.48 26.47 -0.90
N GLY A 268 -4.09 27.64 -0.42
CA GLY A 268 -5.04 28.68 -0.10
C GLY A 268 -5.79 28.43 1.19
N ARG A 269 -7.10 28.65 1.17
CA ARG A 269 -7.92 28.52 2.35
C ARG A 269 -9.24 27.87 1.94
N HIS A 270 -9.48 26.67 2.50
CA HIS A 270 -10.66 25.88 2.21
C HIS A 270 -11.32 25.40 3.50
N SER A 271 -12.65 25.47 3.55
CA SER A 271 -13.37 24.96 4.72
C SER A 271 -13.40 23.43 4.56
N ARG A 272 -13.41 22.76 5.70
CA ARG A 272 -13.54 21.31 5.67
C ARG A 272 -14.87 20.98 5.02
N LYS A 273 -14.90 19.98 4.15
CA LYS A 273 -16.14 19.54 3.54
C LYS A 273 -16.52 18.22 4.21
N PRO A 274 -17.65 18.18 4.88
CA PRO A 274 -18.11 16.95 5.53
C PRO A 274 -18.03 15.81 4.52
N TRP A 275 -17.92 14.56 4.94
CA TRP A 275 -17.82 13.43 4.04
C TRP A 275 -19.05 13.17 3.20
N LEU A 276 -20.23 13.45 3.73
CA LEU A 276 -21.49 13.17 3.10
C LEU A 276 -21.79 13.95 1.84
N LYS A 277 -21.07 15.03 1.58
CA LYS A 277 -21.18 15.81 0.37
C LYS A 277 -20.67 15.07 -0.87
N PHE A 278 -20.14 13.87 -0.75
CA PHE A 278 -19.71 13.04 -1.85
C PHE A 278 -20.74 11.92 -2.04
N MET A 279 -21.73 11.89 -1.15
CA MET A 279 -22.76 10.84 -1.27
C MET A 279 -23.64 11.16 -2.48
N ASN A 280 -23.96 10.13 -3.24
CA ASN A 280 -24.83 10.32 -4.40
C ASN A 280 -25.65 9.06 -4.67
N ALA A 281 -26.40 9.11 -5.76
CA ALA A 281 -27.24 8.02 -6.22
C ALA A 281 -26.46 6.72 -6.28
N ASP A 282 -25.40 6.66 -7.07
CA ASP A 282 -24.57 5.50 -7.28
C ASP A 282 -23.89 4.94 -6.03
N ASN A 283 -23.52 5.78 -5.07
CA ASN A 283 -22.75 5.31 -3.93
C ASN A 283 -23.47 5.26 -2.60
N GLN A 284 -24.73 5.71 -2.49
CA GLN A 284 -25.41 5.75 -1.20
C GLN A 284 -25.69 4.39 -0.55
N HIS A 285 -25.72 3.31 -1.36
CA HIS A 285 -25.84 1.97 -0.79
C HIS A 285 -24.53 1.55 -0.14
N LEU A 286 -23.48 2.39 -0.21
CA LEU A 286 -22.20 2.09 0.39
C LEU A 286 -21.70 3.12 1.39
N VAL A 287 -22.25 4.30 1.56
CA VAL A 287 -21.75 5.34 2.45
C VAL A 287 -22.25 5.46 3.89
N SER A 288 -22.69 4.43 4.61
CA SER A 288 -23.24 4.61 5.96
C SER A 288 -22.36 5.23 7.02
N PRO A 289 -22.91 5.48 8.21
CA PRO A 289 -22.21 6.06 9.33
C PRO A 289 -20.94 5.35 9.73
N GLU A 290 -20.87 4.04 9.77
CA GLU A 290 -19.63 3.35 10.16
C GLU A 290 -18.51 3.49 9.14
N ALA A 291 -18.86 3.50 7.87
CA ALA A 291 -17.93 3.69 6.75
C ALA A 291 -17.28 5.07 6.90
N ILE A 292 -18.14 6.07 7.02
CA ILE A 292 -17.68 7.44 7.21
C ILE A 292 -16.86 7.53 8.48
N ASP A 293 -17.36 6.93 9.59
CA ASP A 293 -16.59 7.03 10.85
C ASP A 293 -15.20 6.43 10.66
N PHE A 294 -15.14 5.28 10.04
CA PHE A 294 -13.88 4.58 9.77
C PHE A 294 -12.99 5.39 8.84
N LEU A 295 -13.53 5.84 7.70
CA LEU A 295 -12.77 6.65 6.75
C LEU A 295 -12.18 7.88 7.40
N ASP A 296 -13.00 8.60 8.16
CA ASP A 296 -12.57 9.77 8.89
C ASP A 296 -11.38 9.58 9.80
N LYS A 297 -11.20 8.41 10.41
CA LYS A 297 -10.08 8.08 11.25
C LYS A 297 -8.87 7.56 10.48
N LEU A 298 -8.99 7.37 9.19
CA LEU A 298 -7.86 7.01 8.34
C LEU A 298 -7.35 8.30 7.68
N LEU A 299 -8.20 9.08 7.03
CA LEU A 299 -7.77 10.30 6.38
C LEU A 299 -7.67 11.55 7.26
N ARG A 300 -6.60 11.59 8.03
CA ARG A 300 -6.16 12.64 8.90
C ARG A 300 -4.75 13.08 8.47
N TYR A 301 -4.48 14.38 8.45
CA TYR A 301 -3.17 14.89 8.11
C TYR A 301 -2.10 14.35 9.06
N ASP A 302 -2.45 14.41 10.34
CA ASP A 302 -1.53 13.97 11.39
C ASP A 302 -1.45 12.45 11.28
N HIS A 303 -0.30 11.95 10.84
CA HIS A 303 -0.11 10.51 10.71
C HIS A 303 -0.22 9.83 12.07
N GLN A 304 0.06 10.53 13.15
CA GLN A 304 -0.04 10.01 14.50
C GLN A 304 -1.46 9.81 14.94
N GLU A 305 -2.45 10.51 14.35
CA GLU A 305 -3.82 10.34 14.77
C GLU A 305 -4.53 9.24 14.00
N ARG A 306 -3.95 8.87 12.86
CA ARG A 306 -4.60 7.85 12.04
C ARG A 306 -4.62 6.51 12.79
N LEU A 307 -5.70 5.78 12.54
CA LEU A 307 -5.75 4.41 13.14
C LEU A 307 -4.52 3.59 12.75
N THR A 308 -4.16 2.56 13.54
CA THR A 308 -3.10 1.66 13.20
C THR A 308 -3.82 0.54 12.44
N ALA A 309 -3.13 -0.38 11.78
CA ALA A 309 -3.84 -1.45 11.08
C ALA A 309 -4.58 -2.29 12.12
N LEU A 310 -3.97 -2.55 13.28
CA LEU A 310 -4.63 -3.35 14.31
C LEU A 310 -5.91 -2.63 14.75
N GLU A 311 -5.90 -1.39 15.12
CA GLU A 311 -7.13 -0.74 15.54
C GLU A 311 -8.23 -0.84 14.47
N ALA A 312 -7.83 -0.60 13.23
CA ALA A 312 -8.73 -0.60 12.10
C ALA A 312 -9.49 -1.91 11.99
N MET A 313 -8.87 -3.07 12.16
CA MET A 313 -9.59 -4.32 12.02
C MET A 313 -10.67 -4.55 13.12
N THR A 314 -10.56 -3.80 14.22
CA THR A 314 -11.55 -3.97 15.31
C THR A 314 -12.62 -2.90 15.26
N HIS A 315 -12.56 -2.00 14.27
CA HIS A 315 -13.59 -0.97 14.15
C HIS A 315 -14.91 -1.68 13.87
N PRO A 316 -16.01 -1.16 14.41
CA PRO A 316 -17.34 -1.73 14.27
C PRO A 316 -17.80 -1.92 12.84
N TYR A 317 -17.28 -1.06 11.95
CA TYR A 317 -17.48 -1.19 10.52
C TYR A 317 -17.26 -2.61 10.03
N PHE A 318 -16.31 -3.37 10.50
CA PHE A 318 -16.03 -4.73 10.16
C PHE A 318 -16.61 -5.81 11.07
N GLN A 319 -17.58 -5.47 11.90
CA GLN A 319 -18.15 -6.49 12.80
C GLN A 319 -18.68 -7.74 12.13
N GLN A 320 -19.39 -7.58 11.03
CA GLN A 320 -19.94 -8.74 10.32
C GLN A 320 -18.87 -9.63 9.72
N VAL A 321 -17.77 -9.08 9.20
CA VAL A 321 -16.65 -9.82 8.64
C VAL A 321 -15.98 -10.67 9.72
N ARG A 322 -15.73 -10.00 10.85
CA ARG A 322 -15.19 -10.68 12.03
C ARG A 322 -16.09 -11.85 12.44
N ALA A 323 -17.38 -11.65 12.69
CA ALA A 323 -18.30 -12.69 13.07
C ALA A 323 -18.33 -13.84 12.06
N ALA A 324 -18.28 -13.53 10.75
CA ALA A 324 -18.28 -14.59 9.75
C ALA A 324 -17.01 -15.42 9.85
N GLU A 325 -15.92 -14.78 10.20
CA GLU A 325 -14.61 -15.40 10.37
C GLU A 325 -14.61 -16.29 11.60
N ASN A 326 -15.29 -15.90 12.68
CA ASN A 326 -15.37 -16.65 13.91
C ASN A 326 -16.41 -17.75 14.00
N SER A 327 -17.26 -17.99 13.03
CA SER A 327 -18.28 -19.03 13.02
C SER A 327 -19.69 -18.45 12.75
MG MG B . 6.42 -1.45 -7.64
MG MG C . 3.03 -2.51 -8.56
PG ANP D . 4.67 -0.53 -9.69
O1G ANP D . 3.42 -0.64 -8.96
O2G ANP D . 4.50 0.61 -10.74
O3G ANP D . 5.77 -0.03 -8.82
PB ANP D . 6.12 -2.96 -10.21
O1B ANP D . 6.59 -3.49 -11.50
O2B ANP D . 7.27 -3.11 -9.21
N3B ANP D . 5.17 -1.75 -10.49
PA ANP D . 4.10 -5.05 -9.55
O1A ANP D . 4.63 -6.22 -8.80
O2A ANP D . 3.01 -4.31 -8.88
O3A ANP D . 4.96 -3.83 -9.87
O5' ANP D . 3.67 -5.55 -10.97
C5' ANP D . 2.71 -4.85 -11.80
C4' ANP D . 1.40 -5.53 -12.05
O4' ANP D . 1.65 -6.95 -12.23
C3' ANP D . 0.36 -5.48 -10.93
O3' ANP D . -0.17 -4.11 -10.82
C2' ANP D . -0.51 -6.66 -11.34
O2' ANP D . -1.55 -6.45 -12.32
C1' ANP D . 0.51 -7.66 -11.95
N9 ANP D . 0.78 -8.75 -11.01
C8 ANP D . 1.84 -8.77 -10.16
N7 ANP D . 1.94 -9.76 -9.35
C5 ANP D . 0.86 -10.45 -9.66
C6 ANP D . 0.45 -11.64 -9.09
N6 ANP D . 1.06 -12.27 -8.11
N1 ANP D . -0.69 -12.16 -9.57
C2 ANP D . -1.37 -11.55 -10.58
N3 ANP D . -1.04 -10.42 -11.16
C4 ANP D . 0.10 -9.90 -10.66
#